data_2B38
#
_entry.id   2B38
#
_entity_poly.entity_id   1
_entity_poly.type   'polypeptide(L)'
_entity_poly.pdbx_seq_one_letter_code
;CGETCLLGTCYTTGCTCNKYRVCTKDGSVLN
;
_entity_poly.pdbx_strand_id   A
#
# COMPACT_ATOMS: atom_id res chain seq x y z
N CYS A 1 6.42 1.91 -0.80
CA CYS A 1 5.15 2.12 -1.48
C CYS A 1 4.14 2.64 -0.47
N GLY A 2 4.53 3.71 0.24
CA GLY A 2 3.67 4.29 1.26
C GLY A 2 2.45 5.03 0.73
N GLU A 3 1.74 4.39 -0.17
CA GLU A 3 0.52 4.96 -0.74
C GLU A 3 -0.66 4.53 0.12
N THR A 4 -1.75 5.23 0.03
CA THR A 4 -2.93 4.90 0.80
C THR A 4 -4.03 4.34 -0.09
N CYS A 5 -4.78 3.39 0.44
CA CYS A 5 -5.87 2.80 -0.33
C CYS A 5 -7.14 3.60 -0.10
N LEU A 6 -7.07 4.90 -0.37
CA LEU A 6 -8.20 5.79 -0.19
C LEU A 6 -9.34 5.39 -1.10
N LEU A 7 -9.00 4.89 -2.28
CA LEU A 7 -10.00 4.44 -3.24
C LEU A 7 -10.52 3.07 -2.85
N GLY A 8 -9.81 2.41 -1.94
CA GLY A 8 -10.21 1.10 -1.49
C GLY A 8 -9.08 0.10 -1.59
N THR A 9 -8.26 0.26 -2.62
CA THR A 9 -7.14 -0.65 -2.83
C THR A 9 -6.02 0.07 -3.60
N CYS A 10 -4.80 -0.41 -3.41
CA CYS A 10 -3.63 0.17 -4.06
C CYS A 10 -3.66 -0.06 -5.57
N TYR A 11 -3.34 0.96 -6.33
CA TYR A 11 -3.29 0.84 -7.77
C TYR A 11 -1.90 0.40 -8.20
N THR A 12 -0.93 0.61 -7.32
CA THR A 12 0.45 0.23 -7.59
C THR A 12 0.62 -1.27 -7.51
N THR A 13 1.41 -1.81 -8.42
CA THR A 13 1.67 -3.24 -8.48
C THR A 13 2.58 -3.71 -7.35
N GLY A 14 2.24 -4.83 -6.75
CA GLY A 14 3.02 -5.39 -5.66
C GLY A 14 2.77 -4.74 -4.32
N CYS A 15 1.90 -3.74 -4.31
CA CYS A 15 1.57 -3.05 -3.08
C CYS A 15 0.27 -3.60 -2.51
N THR A 16 0.26 -3.88 -1.22
CA THR A 16 -0.90 -4.44 -0.56
C THR A 16 -1.45 -3.47 0.47
N CYS A 17 -2.73 -3.57 0.77
CA CYS A 17 -3.34 -2.66 1.75
C CYS A 17 -3.19 -3.21 3.15
N ASN A 18 -2.44 -2.51 3.98
CA ASN A 18 -2.23 -2.90 5.36
C ASN A 18 -3.34 -2.27 6.19
N LYS A 19 -3.63 -2.87 7.34
CA LYS A 19 -4.69 -2.44 8.28
C LYS A 19 -4.86 -0.92 8.39
N TYR A 20 -3.75 -0.19 8.32
CA TYR A 20 -3.81 1.27 8.43
C TYR A 20 -4.27 1.89 7.11
N ARG A 21 -4.78 1.02 6.22
CA ARG A 21 -5.25 1.40 4.90
C ARG A 21 -4.11 2.01 4.12
N VAL A 22 -2.94 1.41 4.32
CA VAL A 22 -1.73 1.90 3.65
C VAL A 22 -1.02 0.77 2.92
N CYS A 23 -0.57 1.07 1.71
CA CYS A 23 0.11 0.11 0.85
C CYS A 23 1.48 -0.28 1.39
N THR A 24 1.74 -1.58 1.36
CA THR A 24 2.98 -2.15 1.79
C THR A 24 3.46 -3.15 0.75
N LYS A 25 4.69 -3.00 0.28
CA LYS A 25 5.23 -3.91 -0.72
C LYS A 25 5.93 -5.06 -0.03
N ASP A 26 6.94 -4.72 0.75
CA ASP A 26 7.72 -5.67 1.52
C ASP A 26 7.26 -5.63 2.97
N GLY A 27 7.03 -4.42 3.44
CA GLY A 27 6.61 -4.17 4.79
C GLY A 27 6.98 -2.76 5.18
N SER A 28 8.02 -2.27 4.52
CA SER A 28 8.53 -0.93 4.76
C SER A 28 7.64 0.12 4.11
N VAL A 29 7.35 1.20 4.84
CA VAL A 29 6.52 2.27 4.32
C VAL A 29 7.30 3.01 3.24
N LEU A 30 8.60 3.09 3.44
CA LEU A 30 9.51 3.74 2.50
C LEU A 30 9.77 2.82 1.30
N ASN A 31 8.71 2.49 0.58
CA ASN A 31 8.80 1.61 -0.58
C ASN A 31 7.56 1.81 -1.45
N CYS A 1 6.82 2.33 -2.18
CA CYS A 1 5.40 2.36 -2.52
C CYS A 1 4.81 3.68 -2.04
N GLY A 2 4.74 3.84 -0.72
CA GLY A 2 4.22 5.07 -0.13
C GLY A 2 2.82 5.43 -0.60
N GLU A 3 2.05 4.42 -0.96
CA GLU A 3 0.69 4.62 -1.42
C GLU A 3 -0.31 4.21 -0.34
N THR A 4 -1.53 4.72 -0.44
CA THR A 4 -2.58 4.38 0.49
C THR A 4 -3.79 3.89 -0.28
N CYS A 5 -4.56 3.00 0.30
CA CYS A 5 -5.73 2.48 -0.39
C CYS A 5 -6.93 3.37 -0.10
N LEU A 6 -6.78 4.66 -0.40
CA LEU A 6 -7.84 5.63 -0.18
C LEU A 6 -9.11 5.24 -0.92
N LEU A 7 -8.96 4.80 -2.16
CA LEU A 7 -10.09 4.37 -2.97
C LEU A 7 -10.61 3.04 -2.49
N GLY A 8 -9.77 2.34 -1.72
CA GLY A 8 -10.14 1.04 -1.22
C GLY A 8 -9.03 0.05 -1.48
N THR A 9 -8.31 0.27 -2.57
CA THR A 9 -7.21 -0.60 -2.95
C THR A 9 -6.13 0.20 -3.70
N CYS A 10 -4.90 -0.26 -3.59
CA CYS A 10 -3.73 0.39 -4.21
C CYS A 10 -3.78 0.34 -5.73
N TYR A 11 -3.23 1.38 -6.34
CA TYR A 11 -3.15 1.47 -7.79
C TYR A 11 -1.86 0.80 -8.25
N THR A 12 -0.84 0.90 -7.41
CA THR A 12 0.46 0.33 -7.72
C THR A 12 0.48 -1.18 -7.51
N THR A 13 1.16 -1.87 -8.40
CA THR A 13 1.28 -3.31 -8.33
C THR A 13 2.38 -3.71 -7.36
N GLY A 14 2.07 -4.64 -6.48
CA GLY A 14 3.05 -5.09 -5.51
C GLY A 14 2.76 -4.54 -4.13
N CYS A 15 1.94 -3.51 -4.09
CA CYS A 15 1.56 -2.90 -2.84
C CYS A 15 0.33 -3.58 -2.25
N THR A 16 0.39 -3.90 -0.97
CA THR A 16 -0.70 -4.57 -0.28
C THR A 16 -1.37 -3.60 0.67
N CYS A 17 -2.64 -3.80 0.94
CA CYS A 17 -3.35 -2.90 1.85
C CYS A 17 -3.21 -3.33 3.29
N ASN A 18 -2.49 -2.52 4.05
CA ASN A 18 -2.26 -2.73 5.46
C ASN A 18 -3.47 -2.20 6.21
N LYS A 19 -3.76 -2.80 7.37
CA LYS A 19 -4.90 -2.44 8.23
C LYS A 19 -5.15 -0.93 8.30
N TYR A 20 -4.08 -0.15 8.37
CA TYR A 20 -4.21 1.31 8.43
C TYR A 20 -4.50 1.89 7.05
N ARG A 21 -5.00 1.03 6.17
CA ARG A 21 -5.33 1.37 4.79
C ARG A 21 -4.12 1.93 4.08
N VAL A 22 -2.98 1.35 4.38
CA VAL A 22 -1.72 1.79 3.77
C VAL A 22 -1.09 0.70 2.92
N CYS A 23 -0.66 1.06 1.72
CA CYS A 23 -0.04 0.11 0.81
C CYS A 23 1.40 -0.14 1.19
N THR A 24 1.72 -1.40 1.40
CA THR A 24 3.05 -1.82 1.77
C THR A 24 3.56 -2.88 0.81
N LYS A 25 4.85 -2.83 0.50
CA LYS A 25 5.46 -3.79 -0.42
C LYS A 25 5.51 -5.19 0.19
N ASP A 26 5.37 -5.24 1.51
CA ASP A 26 5.41 -6.49 2.27
C ASP A 26 5.09 -6.20 3.72
N GLY A 27 5.61 -5.08 4.20
CA GLY A 27 5.40 -4.63 5.56
C GLY A 27 5.87 -3.21 5.69
N SER A 28 6.96 -2.89 5.00
CA SER A 28 7.51 -1.56 5.01
C SER A 28 6.77 -0.68 4.00
N VAL A 29 6.46 0.55 4.40
CA VAL A 29 5.73 1.48 3.53
C VAL A 29 6.62 1.95 2.38
N LEU A 30 7.92 1.92 2.62
CA LEU A 30 8.91 2.33 1.62
C LEU A 30 8.78 1.51 0.34
N ASN A 31 9.15 2.13 -0.79
CA ASN A 31 9.07 1.50 -2.11
C ASN A 31 7.63 1.33 -2.53
N CYS A 1 6.55 2.01 -1.45
CA CYS A 1 5.17 2.19 -1.89
C CYS A 1 4.45 3.16 -0.96
N GLY A 2 4.91 4.40 -0.96
CA GLY A 2 4.32 5.43 -0.12
C GLY A 2 2.96 5.87 -0.63
N GLU A 3 1.99 4.97 -0.54
CA GLU A 3 0.64 5.24 -1.00
C GLU A 3 -0.36 4.60 -0.05
N THR A 4 -1.59 5.07 -0.08
CA THR A 4 -2.65 4.56 0.76
C THR A 4 -3.79 4.03 -0.09
N CYS A 5 -4.55 3.09 0.42
CA CYS A 5 -5.67 2.53 -0.34
C CYS A 5 -6.91 3.38 -0.09
N LEU A 6 -6.77 4.68 -0.33
CA LEU A 6 -7.85 5.63 -0.13
C LEU A 6 -9.09 5.24 -0.92
N LEU A 7 -8.89 4.77 -2.14
CA LEU A 7 -9.98 4.36 -3.00
C LEU A 7 -10.47 2.97 -2.61
N GLY A 8 -9.69 2.28 -1.78
CA GLY A 8 -10.05 0.96 -1.35
C GLY A 8 -8.92 -0.03 -1.53
N THR A 9 -8.15 0.17 -2.60
CA THR A 9 -7.03 -0.69 -2.89
C THR A 9 -5.95 0.08 -3.66
N CYS A 10 -4.70 -0.31 -3.47
CA CYS A 10 -3.57 0.33 -4.14
C CYS A 10 -3.64 0.18 -5.64
N TYR A 11 -3.32 1.26 -6.35
CA TYR A 11 -3.32 1.23 -7.80
C TYR A 11 -2.02 0.61 -8.31
N THR A 12 -0.96 0.78 -7.52
CA THR A 12 0.34 0.24 -7.86
C THR A 12 0.39 -1.27 -7.65
N THR A 13 1.04 -1.96 -8.56
CA THR A 13 1.18 -3.40 -8.49
C THR A 13 2.28 -3.79 -7.52
N GLY A 14 2.01 -4.80 -6.69
CA GLY A 14 3.00 -5.25 -5.73
C GLY A 14 2.74 -4.70 -4.35
N CYS A 15 1.90 -3.70 -4.27
CA CYS A 15 1.56 -3.07 -3.01
C CYS A 15 0.36 -3.78 -2.37
N THR A 16 0.40 -3.94 -1.07
CA THR A 16 -0.67 -4.59 -0.33
C THR A 16 -1.32 -3.60 0.61
N CYS A 17 -2.60 -3.78 0.89
CA CYS A 17 -3.29 -2.87 1.78
C CYS A 17 -3.18 -3.31 3.23
N ASN A 18 -2.50 -2.48 4.00
CA ASN A 18 -2.30 -2.70 5.42
C ASN A 18 -3.52 -2.17 6.15
N LYS A 19 -3.84 -2.80 7.29
CA LYS A 19 -5.00 -2.45 8.12
C LYS A 19 -5.25 -0.94 8.23
N TYR A 20 -4.19 -0.15 8.34
CA TYR A 20 -4.32 1.30 8.44
C TYR A 20 -4.57 1.91 7.06
N ARG A 21 -5.06 1.08 6.15
CA ARG A 21 -5.36 1.44 4.78
C ARG A 21 -4.13 2.02 4.11
N VAL A 22 -3.00 1.41 4.40
CA VAL A 22 -1.72 1.87 3.84
C VAL A 22 -1.07 0.79 2.98
N CYS A 23 -0.57 1.17 1.82
CA CYS A 23 0.08 0.24 0.92
C CYS A 23 1.48 -0.13 1.39
N THR A 24 1.74 -1.42 1.44
CA THR A 24 3.02 -1.95 1.85
C THR A 24 3.56 -2.88 0.78
N LYS A 25 4.87 -2.84 0.53
CA LYS A 25 5.46 -3.71 -0.49
C LYS A 25 5.63 -5.13 0.07
N ASP A 26 6.82 -5.69 -0.10
CA ASP A 26 7.13 -7.03 0.40
C ASP A 26 6.76 -7.18 1.88
N GLY A 27 7.18 -6.20 2.66
CA GLY A 27 6.89 -6.18 4.08
C GLY A 27 7.35 -4.90 4.70
N SER A 28 7.12 -3.79 3.99
CA SER A 28 7.53 -2.47 4.46
C SER A 28 6.69 -1.38 3.79
N VAL A 29 6.38 -0.33 4.54
CA VAL A 29 5.60 0.79 4.03
C VAL A 29 6.42 1.59 3.02
N LEU A 30 7.73 1.57 3.24
CA LEU A 30 8.68 2.28 2.40
C LEU A 30 8.55 1.84 0.94
N ASN A 31 8.98 2.72 0.04
CA ASN A 31 8.94 2.50 -1.42
C ASN A 31 7.53 2.74 -1.96
N CYS A 1 6.45 2.32 -2.26
CA CYS A 1 5.03 2.33 -2.58
C CYS A 1 4.43 3.66 -2.14
N GLY A 2 4.32 3.86 -0.82
CA GLY A 2 3.77 5.11 -0.29
C GLY A 2 2.26 5.22 -0.43
N GLU A 3 1.73 4.69 -1.51
CA GLU A 3 0.30 4.73 -1.78
C GLU A 3 -0.52 4.11 -0.66
N THR A 4 -1.74 4.60 -0.50
CA THR A 4 -2.67 4.12 0.50
C THR A 4 -3.95 3.68 -0.17
N CYS A 5 -4.68 2.76 0.45
CA CYS A 5 -5.92 2.29 -0.16
C CYS A 5 -7.08 3.17 0.25
N LEU A 6 -6.88 4.47 0.08
CA LEU A 6 -7.91 5.45 0.40
C LEU A 6 -9.11 5.23 -0.50
N LEU A 7 -8.82 4.85 -1.75
CA LEU A 7 -9.86 4.58 -2.73
C LEU A 7 -10.36 3.15 -2.61
N GLY A 8 -9.93 2.45 -1.56
CA GLY A 8 -10.35 1.09 -1.38
C GLY A 8 -9.20 0.13 -1.67
N THR A 9 -8.37 0.52 -2.62
CA THR A 9 -7.21 -0.30 -2.98
C THR A 9 -6.08 0.62 -3.48
N CYS A 10 -5.13 0.06 -4.23
CA CYS A 10 -3.99 0.82 -4.72
C CYS A 10 -3.71 0.49 -6.18
N TYR A 11 -3.24 1.49 -6.91
CA TYR A 11 -2.91 1.33 -8.31
C TYR A 11 -1.53 0.72 -8.48
N THR A 12 -0.66 0.91 -7.50
CA THR A 12 0.69 0.39 -7.57
C THR A 12 0.69 -1.13 -7.45
N THR A 13 1.55 -1.75 -8.22
CA THR A 13 1.68 -3.20 -8.24
C THR A 13 2.63 -3.70 -7.15
N GLY A 14 2.24 -4.76 -6.47
CA GLY A 14 3.07 -5.33 -5.43
C GLY A 14 2.76 -4.75 -4.06
N CYS A 15 1.89 -3.77 -4.03
CA CYS A 15 1.51 -3.13 -2.78
C CYS A 15 0.31 -3.85 -2.17
N THR A 16 0.38 -4.07 -0.87
CA THR A 16 -0.69 -4.74 -0.15
C THR A 16 -1.38 -3.75 0.77
N CYS A 17 -2.65 -3.97 1.05
CA CYS A 17 -3.39 -3.06 1.91
C CYS A 17 -3.22 -3.43 3.38
N ASN A 18 -2.52 -2.56 4.09
CA ASN A 18 -2.27 -2.72 5.50
C ASN A 18 -3.42 -2.13 6.28
N LYS A 19 -3.69 -2.71 7.45
CA LYS A 19 -4.77 -2.33 8.36
C LYS A 19 -5.04 -0.81 8.38
N TYR A 20 -3.99 -0.02 8.41
CA TYR A 20 -4.11 1.44 8.44
C TYR A 20 -4.43 2.00 7.06
N ARG A 21 -4.96 1.11 6.21
CA ARG A 21 -5.32 1.44 4.84
C ARG A 21 -4.12 1.98 4.10
N VAL A 22 -2.98 1.38 4.37
CA VAL A 22 -1.74 1.80 3.72
C VAL A 22 -1.15 0.67 2.88
N CYS A 23 -0.77 0.98 1.65
CA CYS A 23 -0.18 -0.03 0.79
C CYS A 23 1.31 -0.16 1.03
N THR A 24 1.68 -1.37 1.34
CA THR A 24 3.05 -1.72 1.61
C THR A 24 3.52 -2.79 0.64
N LYS A 25 4.65 -2.55 -0.01
CA LYS A 25 5.18 -3.51 -0.97
C LYS A 25 6.03 -4.56 -0.26
N ASP A 26 7.23 -4.18 0.13
CA ASP A 26 8.15 -5.08 0.82
C ASP A 26 7.92 -5.01 2.32
N GLY A 27 6.66 -5.15 2.71
CA GLY A 27 6.28 -5.08 4.11
C GLY A 27 6.26 -3.66 4.62
N SER A 28 7.28 -2.90 4.26
CA SER A 28 7.39 -1.50 4.67
C SER A 28 6.62 -0.60 3.70
N VAL A 29 6.22 0.57 4.19
CA VAL A 29 5.47 1.53 3.37
C VAL A 29 6.33 2.02 2.20
N LEU A 30 7.63 1.95 2.42
CA LEU A 30 8.61 2.36 1.42
C LEU A 30 8.45 1.55 0.13
N ASN A 31 8.84 2.16 -0.99
CA ASN A 31 8.74 1.54 -2.31
C ASN A 31 7.27 1.37 -2.71
N CYS A 1 7.25 1.18 -1.25
CA CYS A 1 5.87 1.59 -1.44
C CYS A 1 5.27 2.07 -0.13
N GLY A 2 4.76 3.29 -0.15
CA GLY A 2 4.14 3.87 1.03
C GLY A 2 2.86 4.57 0.65
N GLU A 3 2.14 3.94 -0.27
CA GLU A 3 0.88 4.45 -0.78
C GLU A 3 -0.23 4.22 0.24
N THR A 4 -1.42 4.67 -0.08
CA THR A 4 -2.57 4.49 0.80
C THR A 4 -3.76 4.02 -0.02
N CYS A 5 -4.60 3.21 0.58
CA CYS A 5 -5.76 2.70 -0.13
C CYS A 5 -6.92 3.68 0.02
N LEU A 6 -6.69 4.91 -0.39
CA LEU A 6 -7.70 5.95 -0.32
C LEU A 6 -8.92 5.55 -1.11
N LEU A 7 -8.69 4.90 -2.25
CA LEU A 7 -9.78 4.43 -3.10
C LEU A 7 -10.19 3.00 -2.73
N GLY A 8 -9.84 2.60 -1.52
CA GLY A 8 -10.16 1.27 -1.06
C GLY A 8 -8.99 0.33 -1.22
N THR A 9 -8.34 0.41 -2.37
CA THR A 9 -7.19 -0.43 -2.67
C THR A 9 -6.28 0.27 -3.69
N CYS A 10 -4.98 0.11 -3.52
CA CYS A 10 -4.01 0.71 -4.45
C CYS A 10 -3.93 -0.10 -5.74
N TYR A 11 -3.87 0.61 -6.85
CA TYR A 11 -3.80 -0.03 -8.16
C TYR A 11 -2.36 -0.35 -8.54
N THR A 12 -1.41 0.17 -7.76
CA THR A 12 0.00 -0.06 -8.04
C THR A 12 0.40 -1.49 -7.70
N THR A 13 1.26 -2.03 -8.53
CA THR A 13 1.75 -3.39 -8.38
C THR A 13 2.81 -3.49 -7.29
N GLY A 14 2.70 -4.52 -6.47
CA GLY A 14 3.67 -4.72 -5.40
C GLY A 14 3.24 -4.08 -4.11
N CYS A 15 2.15 -3.35 -4.15
CA CYS A 15 1.63 -2.69 -2.97
C CYS A 15 0.40 -3.42 -2.45
N THR A 16 0.40 -3.71 -1.16
CA THR A 16 -0.71 -4.41 -0.52
C THR A 16 -1.38 -3.50 0.49
N CYS A 17 -2.66 -3.71 0.76
CA CYS A 17 -3.36 -2.86 1.70
C CYS A 17 -3.22 -3.38 3.13
N ASN A 18 -2.59 -2.55 3.94
CA ASN A 18 -2.38 -2.84 5.35
C ASN A 18 -3.55 -2.30 6.14
N LYS A 19 -3.86 -2.96 7.26
CA LYS A 19 -4.99 -2.59 8.15
C LYS A 19 -5.21 -1.09 8.28
N TYR A 20 -4.13 -0.33 8.38
CA TYR A 20 -4.24 1.13 8.54
C TYR A 20 -4.51 1.79 7.18
N ARG A 21 -5.05 0.99 6.26
CA ARG A 21 -5.37 1.42 4.90
C ARG A 21 -4.12 1.98 4.23
N VAL A 22 -3.01 1.30 4.48
CA VAL A 22 -1.74 1.74 3.90
C VAL A 22 -1.17 0.69 2.95
N CYS A 23 -0.79 1.12 1.76
CA CYS A 23 -0.21 0.25 0.77
C CYS A 23 1.28 0.11 0.97
N THR A 24 1.69 -1.10 1.31
CA THR A 24 3.08 -1.42 1.57
C THR A 24 3.51 -2.63 0.74
N LYS A 25 4.80 -2.76 0.49
CA LYS A 25 5.30 -3.89 -0.31
C LYS A 25 5.43 -5.16 0.54
N ASP A 26 5.08 -5.05 1.81
CA ASP A 26 5.15 -6.16 2.76
C ASP A 26 4.67 -5.70 4.13
N GLY A 27 5.02 -4.47 4.45
CA GLY A 27 4.68 -3.86 5.70
C GLY A 27 5.52 -2.62 5.88
N SER A 28 6.74 -2.72 5.37
CA SER A 28 7.70 -1.63 5.41
C SER A 28 7.27 -0.52 4.45
N VAL A 29 7.45 0.72 4.87
CA VAL A 29 7.09 1.88 4.06
C VAL A 29 8.03 2.04 2.86
N LEU A 30 9.18 1.37 2.93
CA LEU A 30 10.16 1.42 1.85
C LEU A 30 9.59 0.79 0.57
N ASN A 31 10.02 1.35 -0.57
CA ASN A 31 9.59 0.91 -1.90
C ASN A 31 8.16 1.36 -2.20
N CYS A 1 6.73 2.49 -1.49
CA CYS A 1 5.33 2.42 -1.89
C CYS A 1 4.46 3.08 -0.84
N GLY A 2 4.68 4.37 -0.60
CA GLY A 2 3.89 5.11 0.38
C GLY A 2 2.51 5.45 -0.13
N GLU A 3 1.88 4.49 -0.81
CA GLU A 3 0.55 4.66 -1.36
C GLU A 3 -0.49 4.22 -0.34
N THR A 4 -1.69 4.76 -0.48
CA THR A 4 -2.78 4.44 0.41
C THR A 4 -3.97 3.91 -0.36
N CYS A 5 -4.76 3.06 0.28
CA CYS A 5 -5.93 2.50 -0.37
C CYS A 5 -7.12 3.41 -0.16
N LEU A 6 -6.96 4.66 -0.56
CA LEU A 6 -8.01 5.66 -0.41
C LEU A 6 -9.28 5.21 -1.11
N LEU A 7 -9.13 4.63 -2.29
CA LEU A 7 -10.26 4.13 -3.05
C LEU A 7 -10.52 2.65 -2.79
N GLY A 8 -10.07 2.17 -1.63
CA GLY A 8 -10.27 0.77 -1.30
C GLY A 8 -9.01 -0.04 -1.53
N THR A 9 -8.32 0.26 -2.60
CA THR A 9 -7.09 -0.43 -2.94
C THR A 9 -6.16 0.51 -3.71
N CYS A 10 -4.87 0.37 -3.44
CA CYS A 10 -3.84 1.19 -4.08
C CYS A 10 -3.70 0.86 -5.55
N TYR A 11 -3.33 1.86 -6.34
CA TYR A 11 -3.15 1.68 -7.77
C TYR A 11 -1.81 1.02 -8.06
N THR A 12 -0.90 1.10 -7.10
CA THR A 12 0.43 0.52 -7.27
C THR A 12 0.37 -1.00 -7.22
N THR A 13 1.14 -1.63 -8.09
CA THR A 13 1.20 -3.07 -8.18
C THR A 13 2.27 -3.65 -7.26
N GLY A 14 1.98 -4.78 -6.63
CA GLY A 14 2.93 -5.41 -5.73
C GLY A 14 2.76 -4.97 -4.30
N CYS A 15 2.05 -3.88 -4.12
CA CYS A 15 1.80 -3.34 -2.80
C CYS A 15 0.52 -3.94 -2.22
N THR A 16 0.52 -4.20 -0.92
CA THR A 16 -0.63 -4.78 -0.26
C THR A 16 -1.26 -3.78 0.70
N CYS A 17 -2.56 -3.86 0.89
CA CYS A 17 -3.24 -2.94 1.79
C CYS A 17 -3.17 -3.41 3.22
N ASN A 18 -2.52 -2.61 4.05
CA ASN A 18 -2.38 -2.91 5.47
C ASN A 18 -3.48 -2.17 6.22
N LYS A 19 -3.89 -2.73 7.36
CA LYS A 19 -4.98 -2.20 8.21
C LYS A 19 -5.02 -0.68 8.32
N TYR A 20 -3.88 -0.02 8.23
CA TYR A 20 -3.85 1.44 8.31
C TYR A 20 -4.22 2.05 6.95
N ARG A 21 -4.79 1.20 6.11
CA ARG A 21 -5.21 1.54 4.76
C ARG A 21 -4.03 2.07 3.98
N VAL A 22 -2.89 1.45 4.20
CA VAL A 22 -1.66 1.84 3.52
C VAL A 22 -1.00 0.63 2.86
N CYS A 23 -0.50 0.83 1.65
CA CYS A 23 0.13 -0.26 0.92
C CYS A 23 1.57 -0.48 1.32
N THR A 24 1.88 -1.74 1.55
CA THR A 24 3.22 -2.16 1.91
C THR A 24 3.74 -3.10 0.83
N LYS A 25 4.91 -2.77 0.28
CA LYS A 25 5.52 -3.60 -0.75
C LYS A 25 6.14 -4.85 -0.13
N ASP A 26 6.54 -4.70 1.12
CA ASP A 26 7.15 -5.77 1.90
C ASP A 26 7.19 -5.33 3.36
N GLY A 27 8.27 -5.65 4.06
CA GLY A 27 8.39 -5.22 5.44
C GLY A 27 8.55 -3.72 5.52
N SER A 28 9.15 -3.15 4.49
CA SER A 28 9.37 -1.72 4.41
C SER A 28 8.14 -1.01 3.83
N VAL A 29 7.64 -0.03 4.57
CA VAL A 29 6.48 0.74 4.13
C VAL A 29 6.93 1.81 3.14
N LEU A 30 8.23 2.08 3.15
CA LEU A 30 8.84 3.06 2.27
C LEU A 30 8.74 2.64 0.80
N ASN A 31 9.05 3.58 -0.09
CA ASN A 31 9.00 3.36 -1.54
C ASN A 31 7.56 3.36 -2.05
N CYS A 1 5.26 1.91 0.31
CA CYS A 1 5.29 2.12 -1.14
C CYS A 1 5.31 3.61 -1.45
N GLY A 2 4.13 4.24 -1.44
CA GLY A 2 4.05 5.66 -1.71
C GLY A 2 2.63 6.08 -2.00
N GLU A 3 1.68 5.48 -1.29
CA GLU A 3 0.27 5.76 -1.48
C GLU A 3 -0.55 5.18 -0.34
N THR A 4 -1.85 5.24 -0.51
CA THR A 4 -2.78 4.72 0.47
C THR A 4 -4.00 4.15 -0.26
N CYS A 5 -4.69 3.21 0.36
CA CYS A 5 -5.86 2.62 -0.26
C CYS A 5 -7.08 3.48 0.09
N LEU A 6 -6.98 4.77 -0.22
CA LEU A 6 -8.05 5.70 0.08
C LEU A 6 -9.34 5.31 -0.64
N LEU A 7 -9.19 4.86 -1.88
CA LEU A 7 -10.32 4.43 -2.69
C LEU A 7 -10.75 3.03 -2.27
N GLY A 8 -9.87 2.35 -1.56
CA GLY A 8 -10.13 1.00 -1.12
C GLY A 8 -8.94 0.13 -1.40
N THR A 9 -8.26 0.40 -2.50
CA THR A 9 -7.08 -0.36 -2.89
C THR A 9 -6.14 0.52 -3.71
N CYS A 10 -4.84 0.31 -3.53
CA CYS A 10 -3.81 1.07 -4.24
C CYS A 10 -3.70 0.58 -5.68
N TYR A 11 -3.34 1.50 -6.58
CA TYR A 11 -3.18 1.16 -7.98
C TYR A 11 -1.81 0.54 -8.23
N THR A 12 -0.90 0.75 -7.27
CA THR A 12 0.46 0.25 -7.38
C THR A 12 0.48 -1.28 -7.31
N THR A 13 1.36 -1.87 -8.09
CA THR A 13 1.50 -3.31 -8.15
C THR A 13 2.55 -3.81 -7.15
N GLY A 14 2.28 -4.96 -6.54
CA GLY A 14 3.20 -5.52 -5.58
C GLY A 14 2.93 -5.05 -4.17
N CYS A 15 2.21 -3.96 -4.07
CA CYS A 15 1.87 -3.39 -2.79
C CYS A 15 0.56 -3.98 -2.26
N THR A 16 0.52 -4.25 -0.95
CA THR A 16 -0.65 -4.83 -0.33
C THR A 16 -1.26 -3.83 0.64
N CYS A 17 -2.56 -3.87 0.82
CA CYS A 17 -3.21 -2.93 1.72
C CYS A 17 -3.19 -3.43 3.15
N ASN A 18 -2.50 -2.68 4.00
CA ASN A 18 -2.41 -3.01 5.41
C ASN A 18 -3.53 -2.29 6.13
N LYS A 19 -3.95 -2.86 7.27
CA LYS A 19 -5.07 -2.35 8.10
C LYS A 19 -5.15 -0.83 8.18
N TYR A 20 -4.02 -0.14 8.13
CA TYR A 20 -4.03 1.32 8.19
C TYR A 20 -4.33 1.90 6.80
N ARG A 21 -4.94 1.05 5.98
CA ARG A 21 -5.30 1.35 4.59
C ARG A 21 -4.12 1.94 3.84
N VAL A 22 -2.96 1.34 4.10
CA VAL A 22 -1.71 1.76 3.45
C VAL A 22 -1.03 0.57 2.78
N CYS A 23 -0.54 0.77 1.56
CA CYS A 23 0.11 -0.30 0.84
C CYS A 23 1.55 -0.54 1.27
N THR A 24 1.85 -1.80 1.48
CA THR A 24 3.16 -2.25 1.89
C THR A 24 3.74 -3.20 0.83
N LYS A 25 4.91 -2.85 0.32
CA LYS A 25 5.58 -3.65 -0.69
C LYS A 25 6.46 -4.69 -0.03
N ASP A 26 7.21 -4.24 0.98
CA ASP A 26 8.11 -5.10 1.73
C ASP A 26 8.55 -4.35 2.98
N GLY A 27 9.79 -4.55 3.42
CA GLY A 27 10.28 -3.86 4.60
C GLY A 27 10.76 -2.45 4.31
N SER A 28 10.11 -1.78 3.37
CA SER A 28 10.48 -0.41 3.03
C SER A 28 10.06 0.53 4.16
N VAL A 29 10.99 1.36 4.61
CA VAL A 29 10.73 2.30 5.70
C VAL A 29 9.55 3.22 5.40
N LEU A 30 9.41 3.58 4.15
CA LEU A 30 8.32 4.46 3.73
C LEU A 30 7.28 3.70 2.92
N ASN A 31 7.20 2.39 3.18
CA ASN A 31 6.26 1.51 2.50
C ASN A 31 6.38 1.68 0.98
N CYS A 1 5.94 2.36 -2.62
CA CYS A 1 4.52 2.52 -2.90
C CYS A 1 3.73 2.61 -1.61
N GLY A 2 4.24 3.41 -0.68
CA GLY A 2 3.58 3.59 0.59
C GLY A 2 2.37 4.50 0.50
N GLU A 3 1.55 4.29 -0.52
CA GLU A 3 0.35 5.08 -0.72
C GLU A 3 -0.77 4.50 0.13
N THR A 4 -1.89 5.14 0.09
CA THR A 4 -3.06 4.69 0.83
C THR A 4 -4.09 4.10 -0.10
N CYS A 5 -4.84 3.14 0.39
CA CYS A 5 -5.87 2.52 -0.43
C CYS A 5 -7.16 3.30 -0.29
N LEU A 6 -7.09 4.60 -0.59
CA LEU A 6 -8.24 5.49 -0.49
C LEU A 6 -9.37 5.00 -1.39
N LEU A 7 -9.00 4.43 -2.53
CA LEU A 7 -9.97 3.91 -3.48
C LEU A 7 -10.28 2.44 -3.17
N GLY A 8 -9.93 2.00 -1.96
CA GLY A 8 -10.14 0.63 -1.59
C GLY A 8 -8.90 -0.19 -1.81
N THR A 9 -8.18 0.18 -2.86
CA THR A 9 -6.94 -0.49 -3.22
C THR A 9 -5.98 0.51 -3.85
N CYS A 10 -4.70 0.32 -3.60
CA CYS A 10 -3.65 1.19 -4.11
C CYS A 10 -3.52 1.11 -5.62
N TYR A 11 -3.03 2.20 -6.20
CA TYR A 11 -2.84 2.27 -7.64
C TYR A 11 -1.62 1.45 -8.05
N THR A 12 -0.69 1.28 -7.12
CA THR A 12 0.51 0.51 -7.40
C THR A 12 0.22 -0.99 -7.29
N THR A 13 0.84 -1.76 -8.17
CA THR A 13 0.66 -3.20 -8.21
C THR A 13 1.75 -3.92 -7.40
N GLY A 14 1.34 -5.01 -6.74
CA GLY A 14 2.28 -5.78 -5.94
C GLY A 14 2.33 -5.31 -4.50
N CYS A 15 1.70 -4.18 -4.26
CA CYS A 15 1.65 -3.60 -2.93
C CYS A 15 0.43 -4.13 -2.19
N THR A 16 0.52 -4.29 -0.88
CA THR A 16 -0.58 -4.81 -0.08
C THR A 16 -1.19 -3.75 0.80
N CYS A 17 -2.49 -3.85 1.04
CA CYS A 17 -3.16 -2.87 1.89
C CYS A 17 -3.06 -3.28 3.35
N ASN A 18 -2.32 -2.48 4.09
CA ASN A 18 -2.11 -2.67 5.52
C ASN A 18 -3.29 -2.09 6.26
N LYS A 19 -3.57 -2.63 7.44
CA LYS A 19 -4.68 -2.23 8.30
C LYS A 19 -4.90 -0.70 8.33
N TYR A 20 -3.81 0.07 8.33
CA TYR A 20 -3.93 1.52 8.35
C TYR A 20 -4.29 2.06 6.95
N ARG A 21 -4.79 1.13 6.13
CA ARG A 21 -5.19 1.40 4.76
C ARG A 21 -4.03 1.98 3.99
N VAL A 22 -2.86 1.40 4.21
CA VAL A 22 -1.64 1.85 3.54
C VAL A 22 -0.91 0.67 2.89
N CYS A 23 -0.45 0.86 1.66
CA CYS A 23 0.27 -0.21 0.96
C CYS A 23 1.69 -0.40 1.42
N THR A 24 2.02 -1.66 1.58
CA THR A 24 3.35 -2.09 1.99
C THR A 24 3.91 -3.03 0.94
N LYS A 25 5.18 -2.85 0.60
CA LYS A 25 5.83 -3.67 -0.41
C LYS A 25 6.39 -4.94 0.24
N ASP A 26 7.61 -5.33 -0.13
CA ASP A 26 8.23 -6.53 0.43
C ASP A 26 8.66 -6.28 1.86
N GLY A 27 9.00 -5.03 2.13
CA GLY A 27 9.42 -4.62 3.46
C GLY A 27 9.56 -3.12 3.55
N SER A 28 10.34 -2.56 2.63
CA SER A 28 10.54 -1.13 2.60
C SER A 28 9.28 -0.42 2.10
N VAL A 29 8.90 0.64 2.77
CA VAL A 29 7.70 1.39 2.40
C VAL A 29 8.03 2.45 1.35
N LEU A 30 9.33 2.73 1.24
CA LEU A 30 9.83 3.73 0.30
C LEU A 30 9.76 3.24 -1.15
N ASN A 31 8.55 3.09 -1.66
CA ASN A 31 8.32 2.63 -3.03
C ASN A 31 6.87 2.84 -3.44
N CYS A 1 5.76 1.89 -1.09
CA CYS A 1 4.60 2.43 -1.78
C CYS A 1 4.26 3.81 -1.22
N GLY A 2 4.26 3.94 0.10
CA GLY A 2 3.97 5.21 0.75
C GLY A 2 2.49 5.57 0.73
N GLU A 3 1.88 5.45 -0.43
CA GLU A 3 0.47 5.75 -0.63
C GLU A 3 -0.43 4.87 0.24
N THR A 4 -1.63 5.36 0.48
CA THR A 4 -2.63 4.66 1.25
C THR A 4 -3.72 4.14 0.33
N CYS A 5 -4.53 3.21 0.79
CA CYS A 5 -5.60 2.69 -0.06
C CYS A 5 -6.79 3.61 0.08
N LEU A 6 -6.58 4.87 -0.27
CA LEU A 6 -7.62 5.89 -0.19
C LEU A 6 -8.82 5.47 -1.02
N LEU A 7 -8.55 4.87 -2.17
CA LEU A 7 -9.61 4.40 -3.05
C LEU A 7 -10.02 2.97 -2.69
N GLY A 8 -9.63 2.54 -1.49
CA GLY A 8 -9.96 1.21 -1.04
C GLY A 8 -8.81 0.25 -1.23
N THR A 9 -8.15 0.36 -2.37
CA THR A 9 -7.02 -0.49 -2.69
C THR A 9 -6.10 0.18 -3.71
N CYS A 10 -4.79 0.01 -3.55
CA CYS A 10 -3.83 0.58 -4.48
C CYS A 10 -3.74 -0.28 -5.74
N TYR A 11 -3.77 0.35 -6.90
CA TYR A 11 -3.67 -0.38 -8.16
C TYR A 11 -2.20 -0.59 -8.53
N THR A 12 -1.31 -0.12 -7.67
CA THR A 12 0.12 -0.24 -7.89
C THR A 12 0.56 -1.69 -7.71
N THR A 13 1.46 -2.13 -8.58
CA THR A 13 1.97 -3.48 -8.53
C THR A 13 2.92 -3.68 -7.35
N GLY A 14 2.68 -4.73 -6.58
CA GLY A 14 3.51 -5.01 -5.43
C GLY A 14 2.98 -4.39 -4.16
N CYS A 15 2.08 -3.46 -4.31
CA CYS A 15 1.49 -2.78 -3.16
C CYS A 15 0.25 -3.53 -2.68
N THR A 16 0.15 -3.70 -1.38
CA THR A 16 -0.98 -4.38 -0.76
C THR A 16 -1.59 -3.47 0.30
N CYS A 17 -2.83 -3.72 0.67
CA CYS A 17 -3.48 -2.87 1.66
C CYS A 17 -3.25 -3.37 3.08
N ASN A 18 -2.62 -2.50 3.86
CA ASN A 18 -2.33 -2.77 5.25
C ASN A 18 -3.51 -2.29 6.08
N LYS A 19 -3.78 -3.00 7.18
CA LYS A 19 -4.90 -2.70 8.09
C LYS A 19 -5.13 -1.21 8.34
N TYR A 20 -4.06 -0.42 8.35
CA TYR A 20 -4.20 1.03 8.57
C TYR A 20 -4.48 1.74 7.24
N ARG A 21 -5.06 0.99 6.32
CA ARG A 21 -5.40 1.46 4.98
C ARG A 21 -4.16 2.03 4.31
N VAL A 22 -3.04 1.33 4.50
CA VAL A 22 -1.78 1.77 3.92
C VAL A 22 -1.26 0.78 2.88
N CYS A 23 -0.85 1.27 1.73
CA CYS A 23 -0.32 0.41 0.69
C CYS A 23 1.14 0.09 0.99
N THR A 24 1.41 -1.18 1.19
CA THR A 24 2.73 -1.65 1.53
C THR A 24 3.16 -2.78 0.60
N LYS A 25 4.44 -2.82 0.26
CA LYS A 25 4.97 -3.86 -0.63
C LYS A 25 4.98 -5.21 0.09
N ASP A 26 5.16 -5.16 1.40
CA ASP A 26 5.22 -6.36 2.22
C ASP A 26 4.77 -6.06 3.65
N GLY A 27 5.26 -4.95 4.17
CA GLY A 27 4.93 -4.53 5.51
C GLY A 27 5.42 -3.12 5.76
N SER A 28 6.57 -2.80 5.19
CA SER A 28 7.15 -1.49 5.34
C SER A 28 6.47 -0.49 4.41
N VAL A 29 6.19 0.68 4.95
CA VAL A 29 5.59 1.75 4.19
C VAL A 29 6.66 2.42 3.33
N LEU A 30 7.91 2.06 3.59
CA LEU A 30 9.05 2.60 2.86
C LEU A 30 9.18 1.96 1.47
N ASN A 31 8.16 2.13 0.65
CA ASN A 31 8.14 1.59 -0.70
C ASN A 31 6.99 2.20 -1.50
N CYS A 1 6.94 0.11 -1.28
CA CYS A 1 5.71 0.79 -1.64
C CYS A 1 5.10 1.49 -0.44
N GLY A 2 4.74 2.75 -0.61
CA GLY A 2 4.15 3.51 0.46
C GLY A 2 3.14 4.52 -0.05
N GLU A 3 1.89 4.34 0.34
CA GLU A 3 0.79 5.20 -0.07
C GLU A 3 -0.46 4.75 0.68
N THR A 4 -1.51 5.52 0.64
CA THR A 4 -2.74 5.17 1.32
C THR A 4 -3.76 4.59 0.36
N CYS A 5 -4.58 3.66 0.85
CA CYS A 5 -5.61 3.05 0.01
C CYS A 5 -6.85 3.91 0.10
N LEU A 6 -6.72 5.15 -0.31
CA LEU A 6 -7.83 6.09 -0.26
C LEU A 6 -9.01 5.57 -1.07
N LEU A 7 -8.70 4.93 -2.20
CA LEU A 7 -9.73 4.35 -3.05
C LEU A 7 -10.08 2.94 -2.58
N GLY A 8 -9.68 2.63 -1.35
CA GLY A 8 -9.94 1.32 -0.79
C GLY A 8 -8.76 0.40 -0.97
N THR A 9 -8.16 0.46 -2.14
CA THR A 9 -7.01 -0.38 -2.45
C THR A 9 -6.14 0.24 -3.55
N CYS A 10 -4.82 0.14 -3.43
CA CYS A 10 -3.92 0.66 -4.44
C CYS A 10 -3.76 -0.35 -5.56
N TYR A 11 -3.97 0.08 -6.80
CA TYR A 11 -3.83 -0.81 -7.95
C TYR A 11 -2.39 -0.79 -8.45
N THR A 12 -1.46 -0.62 -7.54
CA THR A 12 -0.04 -0.58 -7.87
C THR A 12 0.56 -1.97 -7.77
N THR A 13 1.48 -2.27 -8.67
CA THR A 13 2.14 -3.56 -8.69
C THR A 13 3.13 -3.70 -7.54
N GLY A 14 3.02 -4.79 -6.80
CA GLY A 14 3.90 -5.03 -5.67
C GLY A 14 3.45 -4.31 -4.42
N CYS A 15 2.23 -3.79 -4.47
CA CYS A 15 1.66 -3.08 -3.34
C CYS A 15 0.45 -3.82 -2.79
N THR A 16 0.27 -3.75 -1.48
CA THR A 16 -0.82 -4.41 -0.80
C THR A 16 -1.40 -3.47 0.24
N CYS A 17 -2.67 -3.60 0.55
CA CYS A 17 -3.27 -2.72 1.55
C CYS A 17 -3.15 -3.27 2.95
N ASN A 18 -2.56 -2.45 3.80
CA ASN A 18 -2.35 -2.76 5.20
C ASN A 18 -3.55 -2.31 5.98
N LYS A 19 -3.84 -3.00 7.09
CA LYS A 19 -4.99 -2.73 7.96
C LYS A 19 -5.27 -1.23 8.16
N TYR A 20 -4.21 -0.44 8.30
CA TYR A 20 -4.38 1.01 8.49
C TYR A 20 -4.63 1.71 7.16
N ARG A 21 -5.16 0.95 6.21
CA ARG A 21 -5.46 1.41 4.87
C ARG A 21 -4.21 1.99 4.23
N VAL A 22 -3.11 1.30 4.44
CA VAL A 22 -1.83 1.75 3.89
C VAL A 22 -1.27 0.78 2.87
N CYS A 23 -1.04 1.27 1.66
CA CYS A 23 -0.46 0.49 0.59
C CYS A 23 1.02 0.31 0.85
N THR A 24 1.43 -0.91 1.06
CA THR A 24 2.81 -1.23 1.32
C THR A 24 3.22 -2.41 0.45
N LYS A 25 4.28 -3.10 0.84
CA LYS A 25 4.73 -4.26 0.09
C LYS A 25 4.05 -5.51 0.64
N ASP A 26 3.75 -5.45 1.92
CA ASP A 26 3.11 -6.54 2.65
C ASP A 26 2.67 -6.04 4.03
N GLY A 27 3.54 -5.24 4.61
CA GLY A 27 3.31 -4.65 5.92
C GLY A 27 4.26 -3.50 6.13
N SER A 28 5.49 -3.68 5.65
CA SER A 28 6.51 -2.66 5.74
C SER A 28 6.32 -1.62 4.64
N VAL A 29 6.50 -0.35 4.98
CA VAL A 29 6.35 0.75 4.03
C VAL A 29 7.44 0.72 2.94
N LEU A 30 8.39 -0.17 3.12
CA LEU A 30 9.49 -0.32 2.16
C LEU A 30 8.96 -0.82 0.82
N ASN A 31 9.58 -0.34 -0.26
CA ASN A 31 9.21 -0.70 -1.65
C ASN A 31 7.96 0.04 -2.13
N CYS A 1 6.89 1.55 -0.88
CA CYS A 1 5.62 1.86 -1.53
C CYS A 1 4.72 2.62 -0.57
N GLY A 2 5.04 3.89 -0.35
CA GLY A 2 4.26 4.73 0.55
C GLY A 2 2.93 5.13 -0.06
N GLU A 3 2.24 4.15 -0.61
CA GLU A 3 0.95 4.35 -1.25
C GLU A 3 -0.17 4.22 -0.23
N THR A 4 -1.37 4.49 -0.68
CA THR A 4 -2.55 4.40 0.17
C THR A 4 -3.72 3.85 -0.60
N CYS A 5 -4.55 3.08 0.06
CA CYS A 5 -5.70 2.49 -0.58
C CYS A 5 -6.92 3.37 -0.37
N LEU A 6 -6.80 4.63 -0.78
CA LEU A 6 -7.88 5.61 -0.63
C LEU A 6 -9.15 5.13 -1.33
N LEU A 7 -8.98 4.58 -2.51
CA LEU A 7 -10.11 4.07 -3.30
C LEU A 7 -10.60 2.74 -2.71
N GLY A 8 -9.77 2.14 -1.87
CA GLY A 8 -10.10 0.88 -1.26
C GLY A 8 -8.96 -0.10 -1.39
N THR A 9 -8.23 0.03 -2.47
CA THR A 9 -7.09 -0.81 -2.76
C THR A 9 -6.00 0.01 -3.44
N CYS A 10 -4.76 -0.41 -3.29
CA CYS A 10 -3.61 0.29 -3.85
C CYS A 10 -3.74 0.52 -5.34
N TYR A 11 -3.33 1.70 -5.77
CA TYR A 11 -3.35 2.05 -7.18
C TYR A 11 -2.13 1.45 -7.84
N THR A 12 -1.08 1.26 -7.04
CA THR A 12 0.16 0.67 -7.52
C THR A 12 0.15 -0.84 -7.35
N THR A 13 0.82 -1.52 -8.25
CA THR A 13 0.91 -2.97 -8.24
C THR A 13 2.04 -3.46 -7.34
N GLY A 14 1.84 -4.62 -6.74
CA GLY A 14 2.84 -5.19 -5.86
C GLY A 14 2.78 -4.63 -4.46
N CYS A 15 1.82 -3.77 -4.22
CA CYS A 15 1.66 -3.16 -2.90
C CYS A 15 0.40 -3.75 -2.24
N THR A 16 0.49 -4.01 -0.94
CA THR A 16 -0.63 -4.60 -0.21
C THR A 16 -1.27 -3.58 0.72
N CYS A 17 -2.55 -3.72 0.95
CA CYS A 17 -3.25 -2.80 1.84
C CYS A 17 -3.19 -3.28 3.27
N ASN A 18 -2.46 -2.54 4.09
CA ASN A 18 -2.35 -2.87 5.51
C ASN A 18 -3.50 -2.18 6.21
N LYS A 19 -3.94 -2.76 7.34
CA LYS A 19 -5.09 -2.28 8.13
C LYS A 19 -5.19 -0.76 8.25
N TYR A 20 -4.06 -0.06 8.19
CA TYR A 20 -4.07 1.40 8.27
C TYR A 20 -4.46 1.99 6.91
N ARG A 21 -4.91 1.11 6.03
CA ARG A 21 -5.31 1.44 4.67
C ARG A 21 -4.12 2.02 3.93
N VAL A 22 -2.95 1.48 4.24
CA VAL A 22 -1.71 1.93 3.62
C VAL A 22 -1.01 0.77 2.93
N CYS A 23 -0.47 1.04 1.76
CA CYS A 23 0.21 0.05 0.96
C CYS A 23 1.60 -0.29 1.49
N THR A 24 1.87 -1.58 1.56
CA THR A 24 3.14 -2.09 2.04
C THR A 24 3.65 -3.18 1.09
N LYS A 25 4.96 -3.26 0.91
CA LYS A 25 5.53 -4.27 0.04
C LYS A 25 5.90 -5.50 0.86
N ASP A 26 7.12 -5.49 1.37
CA ASP A 26 7.62 -6.57 2.22
C ASP A 26 7.02 -6.41 3.60
N GLY A 27 6.92 -5.16 4.00
CA GLY A 27 6.40 -4.78 5.28
C GLY A 27 6.77 -3.35 5.56
N SER A 28 7.96 -3.00 5.07
CA SER A 28 8.49 -1.66 5.20
C SER A 28 7.74 -0.69 4.30
N VAL A 29 7.37 0.46 4.85
CA VAL A 29 6.64 1.47 4.08
C VAL A 29 7.57 2.17 3.11
N LEU A 30 8.86 2.16 3.45
CA LEU A 30 9.90 2.79 2.64
C LEU A 30 10.18 1.97 1.37
N ASN A 31 9.15 1.86 0.53
CA ASN A 31 9.25 1.12 -0.73
C ASN A 31 8.02 1.42 -1.57
N CYS A 1 6.46 2.04 -0.68
CA CYS A 1 5.54 1.96 -1.81
C CYS A 1 5.07 3.36 -2.21
N GLY A 2 4.72 4.17 -1.21
CA GLY A 2 4.26 5.52 -1.48
C GLY A 2 2.87 5.52 -2.08
N GLU A 3 1.99 4.74 -1.48
CA GLU A 3 0.62 4.61 -1.94
C GLU A 3 -0.28 4.22 -0.77
N THR A 4 -1.56 4.50 -0.90
CA THR A 4 -2.54 4.20 0.13
C THR A 4 -3.83 3.73 -0.51
N CYS A 5 -4.57 2.88 0.16
CA CYS A 5 -5.81 2.37 -0.40
C CYS A 5 -6.97 3.27 0.00
N LEU A 6 -6.81 4.56 -0.25
CA LEU A 6 -7.85 5.54 0.08
C LEU A 6 -9.15 5.18 -0.60
N LEU A 7 -9.05 4.85 -1.88
CA LEU A 7 -10.22 4.47 -2.66
C LEU A 7 -10.67 3.06 -2.29
N GLY A 8 -9.79 2.33 -1.62
CA GLY A 8 -10.12 1.00 -1.23
C GLY A 8 -8.99 0.04 -1.56
N THR A 9 -8.27 0.32 -2.65
CA THR A 9 -7.17 -0.56 -3.05
C THR A 9 -6.07 0.20 -3.80
N CYS A 10 -4.82 -0.14 -3.50
CA CYS A 10 -3.65 0.49 -4.12
C CYS A 10 -3.68 0.40 -5.63
N TYR A 11 -3.31 1.50 -6.29
CA TYR A 11 -3.24 1.52 -7.74
C TYR A 11 -1.93 0.88 -8.19
N THR A 12 -0.89 1.06 -7.37
CA THR A 12 0.43 0.52 -7.67
C THR A 12 0.46 -1.00 -7.44
N THR A 13 1.14 -1.69 -8.33
CA THR A 13 1.26 -3.14 -8.25
C THR A 13 2.38 -3.54 -7.30
N GLY A 14 2.14 -4.60 -6.52
CA GLY A 14 3.14 -5.08 -5.60
C GLY A 14 2.89 -4.61 -4.18
N CYS A 15 2.08 -3.58 -4.07
CA CYS A 15 1.73 -3.01 -2.77
C CYS A 15 0.49 -3.70 -2.22
N THR A 16 0.51 -3.98 -0.92
CA THR A 16 -0.61 -4.64 -0.26
C THR A 16 -1.31 -3.68 0.69
N CYS A 17 -2.60 -3.86 0.90
CA CYS A 17 -3.34 -2.98 1.79
C CYS A 17 -3.27 -3.47 3.22
N ASN A 18 -2.67 -2.65 4.07
CA ASN A 18 -2.56 -2.96 5.49
C ASN A 18 -3.66 -2.20 6.22
N LYS A 19 -4.13 -2.78 7.33
CA LYS A 19 -5.23 -2.24 8.15
C LYS A 19 -5.25 -0.73 8.28
N TYR A 20 -4.09 -0.09 8.25
CA TYR A 20 -4.00 1.36 8.37
C TYR A 20 -4.37 2.01 7.03
N ARG A 21 -4.89 1.18 6.14
CA ARG A 21 -5.29 1.55 4.79
C ARG A 21 -4.08 2.06 4.02
N VAL A 22 -2.94 1.48 4.34
CA VAL A 22 -1.69 1.86 3.70
C VAL A 22 -1.08 0.69 2.96
N CYS A 23 -0.53 0.97 1.79
CA CYS A 23 0.08 -0.04 0.95
C CYS A 23 1.51 -0.36 1.36
N THR A 24 1.72 -1.62 1.69
CA THR A 24 3.03 -2.12 2.07
C THR A 24 3.60 -2.94 0.93
N LYS A 25 4.81 -2.62 0.51
CA LYS A 25 5.44 -3.32 -0.60
C LYS A 25 6.61 -4.17 -0.09
N ASP A 26 7.59 -4.40 -0.95
CA ASP A 26 8.77 -5.19 -0.60
C ASP A 26 9.68 -4.46 0.39
N GLY A 27 10.38 -3.48 -0.10
CA GLY A 27 11.28 -2.71 0.72
C GLY A 27 11.92 -1.59 -0.08
N SER A 28 11.10 -0.97 -0.92
CA SER A 28 11.55 0.12 -1.76
C SER A 28 11.93 1.34 -0.90
N VAL A 29 12.64 2.30 -1.51
CA VAL A 29 13.08 3.52 -0.82
C VAL A 29 12.02 4.11 0.10
N LEU A 30 10.84 4.29 -0.44
CA LEU A 30 9.73 4.83 0.33
C LEU A 30 8.66 3.77 0.52
N ASN A 31 9.11 2.53 0.61
CA ASN A 31 8.26 1.34 0.79
C ASN A 31 7.36 1.11 -0.43
N CYS A 1 6.81 2.42 -2.09
CA CYS A 1 5.41 2.53 -2.47
C CYS A 1 4.83 3.83 -1.94
N GLY A 2 4.71 3.92 -0.61
CA GLY A 2 4.19 5.12 0.02
C GLY A 2 2.78 5.46 -0.43
N GLU A 3 2.03 4.45 -0.83
CA GLU A 3 0.68 4.63 -1.30
C GLU A 3 -0.31 4.26 -0.21
N THR A 4 -1.55 4.66 -0.38
CA THR A 4 -2.61 4.35 0.56
C THR A 4 -3.82 3.89 -0.22
N CYS A 5 -4.59 3.00 0.36
CA CYS A 5 -5.78 2.51 -0.33
C CYS A 5 -6.97 3.40 -0.03
N LEU A 6 -6.79 4.68 -0.29
CA LEU A 6 -7.83 5.67 -0.05
C LEU A 6 -9.10 5.34 -0.82
N LEU A 7 -8.92 4.87 -2.06
CA LEU A 7 -10.04 4.49 -2.91
C LEU A 7 -10.56 3.12 -2.53
N GLY A 8 -9.78 2.40 -1.73
CA GLY A 8 -10.16 1.07 -1.32
C GLY A 8 -9.05 0.07 -1.52
N THR A 9 -8.30 0.25 -2.59
CA THR A 9 -7.19 -0.63 -2.90
C THR A 9 -6.11 0.11 -3.69
N CYS A 10 -4.87 -0.33 -3.53
CA CYS A 10 -3.72 0.28 -4.19
C CYS A 10 -3.81 0.18 -5.71
N TYR A 11 -3.32 1.22 -6.36
CA TYR A 11 -3.30 1.28 -7.81
C TYR A 11 -1.99 0.69 -8.33
N THR A 12 -0.94 0.82 -7.53
CA THR A 12 0.37 0.29 -7.92
C THR A 12 0.48 -1.19 -7.59
N THR A 13 1.20 -1.90 -8.42
CA THR A 13 1.41 -3.33 -8.26
C THR A 13 2.48 -3.63 -7.22
N GLY A 14 2.28 -4.71 -6.47
CA GLY A 14 3.23 -5.09 -5.45
C GLY A 14 2.88 -4.55 -4.09
N CYS A 15 2.07 -3.51 -4.08
CA CYS A 15 1.64 -2.90 -2.84
C CYS A 15 0.37 -3.56 -2.33
N THR A 16 0.35 -3.87 -1.04
CA THR A 16 -0.79 -4.52 -0.42
C THR A 16 -1.44 -3.56 0.56
N CYS A 17 -2.70 -3.77 0.86
CA CYS A 17 -3.39 -2.88 1.78
C CYS A 17 -3.22 -3.33 3.22
N ASN A 18 -2.52 -2.50 3.99
CA ASN A 18 -2.27 -2.72 5.39
C ASN A 18 -3.46 -2.19 6.17
N LYS A 19 -3.75 -2.80 7.32
CA LYS A 19 -4.87 -2.44 8.20
C LYS A 19 -5.12 -0.93 8.29
N TYR A 20 -4.05 -0.14 8.34
CA TYR A 20 -4.18 1.31 8.43
C TYR A 20 -4.47 1.91 7.05
N ARG A 21 -5.00 1.06 6.17
CA ARG A 21 -5.34 1.42 4.79
C ARG A 21 -4.11 1.98 4.09
N VAL A 22 -2.98 1.37 4.37
CA VAL A 22 -1.71 1.80 3.77
C VAL A 22 -1.11 0.73 2.88
N CYS A 23 -0.65 1.12 1.71
CA CYS A 23 -0.03 0.19 0.77
C CYS A 23 1.41 -0.10 1.16
N THR A 24 1.69 -1.37 1.36
CA THR A 24 3.01 -1.83 1.73
C THR A 24 3.41 -3.03 0.89
N LYS A 25 4.67 -3.08 0.47
CA LYS A 25 5.16 -4.18 -0.34
C LYS A 25 5.71 -5.30 0.54
N ASP A 26 7.04 -5.28 0.72
CA ASP A 26 7.73 -6.28 1.54
C ASP A 26 7.19 -6.26 2.97
N GLY A 27 6.89 -5.05 3.43
CA GLY A 27 6.38 -4.85 4.77
C GLY A 27 6.40 -3.38 5.12
N SER A 28 7.49 -2.73 4.75
CA SER A 28 7.66 -1.32 5.00
C SER A 28 6.88 -0.50 3.99
N VAL A 29 6.44 0.69 4.39
CA VAL A 29 5.69 1.59 3.51
C VAL A 29 6.56 2.04 2.35
N LEU A 30 7.87 1.99 2.57
CA LEU A 30 8.86 2.37 1.59
C LEU A 30 8.69 1.57 0.30
N ASN A 31 9.15 2.15 -0.82
CA ASN A 31 9.06 1.54 -2.14
C ASN A 31 7.61 1.51 -2.62
N CYS A 1 6.16 1.72 -1.68
CA CYS A 1 4.70 1.65 -1.66
C CYS A 1 4.16 2.78 -0.78
N GLY A 2 4.77 3.94 -0.93
CA GLY A 2 4.36 5.12 -0.16
C GLY A 2 3.04 5.68 -0.64
N GLU A 3 1.98 4.94 -0.41
CA GLU A 3 0.63 5.32 -0.82
C GLU A 3 -0.38 4.64 0.08
N THR A 4 -1.59 5.16 0.11
CA THR A 4 -2.66 4.61 0.90
C THR A 4 -3.77 4.11 0.00
N CYS A 5 -4.57 3.16 0.49
CA CYS A 5 -5.66 2.64 -0.32
C CYS A 5 -6.89 3.53 -0.16
N LEU A 6 -6.71 4.79 -0.50
CA LEU A 6 -7.78 5.78 -0.40
C LEU A 6 -9.01 5.32 -1.17
N LEU A 7 -8.79 4.73 -2.34
CA LEU A 7 -9.88 4.25 -3.17
C LEU A 7 -10.23 2.79 -2.82
N GLY A 8 -9.84 2.34 -1.63
CA GLY A 8 -10.15 1.00 -1.22
C GLY A 8 -8.99 0.04 -1.43
N THR A 9 -8.27 0.22 -2.52
CA THR A 9 -7.14 -0.65 -2.83
C THR A 9 -6.08 0.10 -3.63
N CYS A 10 -4.83 -0.28 -3.44
CA CYS A 10 -3.71 0.35 -4.13
C CYS A 10 -3.74 0.05 -5.63
N TYR A 11 -3.47 1.07 -6.43
CA TYR A 11 -3.44 0.92 -7.87
C TYR A 11 -2.09 0.39 -8.31
N THR A 12 -1.06 0.67 -7.51
CA THR A 12 0.29 0.23 -7.80
C THR A 12 0.42 -1.29 -7.61
N THR A 13 1.14 -1.92 -8.50
CA THR A 13 1.36 -3.35 -8.45
C THR A 13 2.44 -3.70 -7.43
N GLY A 14 2.16 -4.70 -6.61
CA GLY A 14 3.12 -5.12 -5.60
C GLY A 14 2.77 -4.59 -4.24
N CYS A 15 1.97 -3.56 -4.22
CA CYS A 15 1.55 -2.93 -2.97
C CYS A 15 0.29 -3.62 -2.43
N THR A 16 0.29 -3.88 -1.14
CA THR A 16 -0.82 -4.53 -0.47
C THR A 16 -1.44 -3.56 0.51
N CYS A 17 -2.70 -3.74 0.84
CA CYS A 17 -3.35 -2.84 1.76
C CYS A 17 -3.19 -3.30 3.21
N ASN A 18 -2.48 -2.49 3.97
CA ASN A 18 -2.23 -2.72 5.38
C ASN A 18 -3.43 -2.21 6.16
N LYS A 19 -3.69 -2.83 7.31
CA LYS A 19 -4.83 -2.50 8.19
C LYS A 19 -5.11 -1.00 8.28
N TYR A 20 -4.06 -0.19 8.34
CA TYR A 20 -4.22 1.26 8.44
C TYR A 20 -4.52 1.87 7.06
N ARG A 21 -5.01 1.02 6.17
CA ARG A 21 -5.33 1.39 4.80
C ARG A 21 -4.11 1.98 4.12
N VAL A 22 -2.97 1.36 4.38
CA VAL A 22 -1.71 1.81 3.80
C VAL A 22 -1.07 0.75 2.92
N CYS A 23 -0.57 1.15 1.76
CA CYS A 23 0.06 0.22 0.83
C CYS A 23 1.44 -0.19 1.32
N THR A 24 1.69 -1.49 1.35
CA THR A 24 2.95 -2.03 1.78
C THR A 24 3.40 -3.14 0.84
N LYS A 25 4.71 -3.32 0.67
CA LYS A 25 5.23 -4.37 -0.20
C LYS A 25 5.05 -5.72 0.49
N ASP A 26 6.05 -6.60 0.36
CA ASP A 26 6.01 -7.91 1.02
C ASP A 26 5.86 -7.75 2.53
N GLY A 27 6.50 -6.70 3.06
CA GLY A 27 6.43 -6.43 4.47
C GLY A 27 7.16 -5.15 4.83
N SER A 28 6.93 -4.10 4.05
CA SER A 28 7.57 -2.81 4.28
C SER A 28 6.80 -1.70 3.57
N VAL A 29 6.87 -0.48 4.10
CA VAL A 29 6.19 0.66 3.50
C VAL A 29 7.00 1.16 2.30
N LEU A 30 8.24 0.71 2.23
CA LEU A 30 9.15 1.07 1.15
C LEU A 30 8.57 0.74 -0.22
N ASN A 31 8.85 1.61 -1.20
CA ASN A 31 8.39 1.50 -2.60
C ASN A 31 6.88 1.31 -2.71
N CYS A 1 5.57 1.96 0.50
CA CYS A 1 5.18 1.79 -0.90
C CYS A 1 5.08 3.16 -1.55
N GLY A 2 4.40 4.07 -0.86
CA GLY A 2 4.25 5.42 -1.36
C GLY A 2 2.83 5.92 -1.25
N GLU A 3 1.89 5.12 -1.75
CA GLU A 3 0.49 5.48 -1.72
C GLU A 3 -0.24 4.84 -0.55
N THR A 4 -1.55 4.91 -0.64
CA THR A 4 -2.46 4.37 0.34
C THR A 4 -3.73 3.91 -0.36
N CYS A 5 -4.45 2.99 0.23
CA CYS A 5 -5.68 2.48 -0.38
C CYS A 5 -6.85 3.36 0.00
N LEU A 6 -6.72 4.64 -0.29
CA LEU A 6 -7.77 5.60 0.01
C LEU A 6 -9.01 5.28 -0.81
N LEU A 7 -8.78 4.82 -2.04
CA LEU A 7 -9.86 4.43 -2.93
C LEU A 7 -10.44 3.10 -2.48
N GLY A 8 -9.61 2.34 -1.76
CA GLY A 8 -10.02 1.05 -1.29
C GLY A 8 -8.92 0.04 -1.52
N THR A 9 -8.13 0.26 -2.57
CA THR A 9 -7.03 -0.61 -2.90
C THR A 9 -5.93 0.18 -3.61
N CYS A 10 -4.69 -0.28 -3.48
CA CYS A 10 -3.53 0.37 -4.08
C CYS A 10 -3.65 0.42 -5.59
N TYR A 11 -3.16 1.50 -6.17
CA TYR A 11 -3.17 1.68 -7.61
C TYR A 11 -1.97 0.95 -8.20
N THR A 12 -0.89 0.91 -7.42
CA THR A 12 0.34 0.27 -7.83
C THR A 12 0.30 -1.23 -7.55
N THR A 13 0.88 -2.00 -8.46
CA THR A 13 0.94 -3.44 -8.32
C THR A 13 2.13 -3.86 -7.48
N GLY A 14 1.90 -4.73 -6.51
CA GLY A 14 2.97 -5.19 -5.66
C GLY A 14 2.79 -4.71 -4.24
N CYS A 15 2.01 -3.66 -4.10
CA CYS A 15 1.73 -3.10 -2.79
C CYS A 15 0.46 -3.72 -2.20
N THR A 16 0.46 -3.94 -0.90
CA THR A 16 -0.68 -4.54 -0.23
C THR A 16 -1.27 -3.58 0.78
N CYS A 17 -2.55 -3.70 1.04
CA CYS A 17 -3.21 -2.81 1.99
C CYS A 17 -3.14 -3.33 3.42
N ASN A 18 -2.38 -2.64 4.25
CA ASN A 18 -2.28 -2.99 5.66
C ASN A 18 -3.45 -2.35 6.36
N LYS A 19 -3.86 -2.95 7.50
CA LYS A 19 -5.03 -2.54 8.30
C LYS A 19 -5.31 -1.03 8.34
N TYR A 20 -4.28 -0.22 8.28
CA TYR A 20 -4.47 1.23 8.30
C TYR A 20 -4.74 1.75 6.87
N ARG A 21 -5.22 0.83 6.03
CA ARG A 21 -5.52 1.06 4.61
C ARG A 21 -4.34 1.72 3.92
N VAL A 22 -3.16 1.27 4.31
CA VAL A 22 -1.93 1.79 3.73
C VAL A 22 -1.32 0.74 2.82
N CYS A 23 -0.53 1.16 1.84
CA CYS A 23 0.09 0.21 0.92
C CYS A 23 1.50 -0.11 1.37
N THR A 24 1.78 -1.40 1.45
CA THR A 24 3.08 -1.89 1.83
C THR A 24 3.57 -2.87 0.77
N LYS A 25 4.79 -2.65 0.29
CA LYS A 25 5.36 -3.50 -0.75
C LYS A 25 6.19 -4.62 -0.13
N ASP A 26 7.26 -5.01 -0.80
CA ASP A 26 8.14 -6.08 -0.32
C ASP A 26 9.05 -5.58 0.81
N GLY A 27 9.68 -4.44 0.59
CA GLY A 27 10.57 -3.88 1.60
C GLY A 27 10.96 -2.46 1.28
N SER A 28 10.02 -1.68 0.81
CA SER A 28 10.26 -0.29 0.48
C SER A 28 10.39 0.53 1.76
N VAL A 29 11.39 1.40 1.79
CA VAL A 29 11.64 2.25 2.96
C VAL A 29 10.44 3.11 3.30
N LEU A 30 9.73 3.55 2.27
CA LEU A 30 8.56 4.38 2.45
C LEU A 30 7.28 3.54 2.33
N ASN A 31 7.40 2.28 2.75
CA ASN A 31 6.28 1.31 2.71
C ASN A 31 5.89 0.94 1.29
N CYS A 1 4.64 1.91 0.50
CA CYS A 1 4.60 2.15 -0.94
C CYS A 1 4.39 3.63 -1.24
N GLY A 2 4.38 4.45 -0.20
CA GLY A 2 4.16 5.88 -0.38
C GLY A 2 2.79 6.16 -0.96
N GLU A 3 1.81 5.34 -0.57
CA GLU A 3 0.44 5.48 -1.05
C GLU A 3 -0.52 4.74 -0.12
N THR A 4 -1.76 5.18 -0.14
CA THR A 4 -2.81 4.60 0.68
C THR A 4 -3.92 4.04 -0.20
N CYS A 5 -4.67 3.08 0.30
CA CYS A 5 -5.76 2.52 -0.50
C CYS A 5 -7.02 3.35 -0.28
N LEU A 6 -6.90 4.64 -0.53
CA LEU A 6 -8.01 5.57 -0.36
C LEU A 6 -9.18 5.16 -1.24
N LEU A 7 -8.87 4.76 -2.47
CA LEU A 7 -9.88 4.32 -3.42
C LEU A 7 -10.49 3.01 -2.96
N GLY A 8 -9.75 2.29 -2.12
CA GLY A 8 -10.21 1.02 -1.62
C GLY A 8 -9.14 -0.03 -1.79
N THR A 9 -8.28 0.19 -2.78
CA THR A 9 -7.20 -0.72 -3.07
C THR A 9 -6.03 0.06 -3.67
N CYS A 10 -4.84 -0.51 -3.54
CA CYS A 10 -3.61 0.12 -4.04
C CYS A 10 -3.66 0.38 -5.53
N TYR A 11 -3.13 1.55 -5.90
CA TYR A 11 -3.06 1.96 -7.28
C TYR A 11 -1.83 1.34 -7.93
N THR A 12 -0.86 0.98 -7.10
CA THR A 12 0.39 0.39 -7.56
C THR A 12 0.38 -1.13 -7.38
N THR A 13 1.00 -1.82 -8.31
CA THR A 13 1.09 -3.26 -8.27
C THR A 13 2.16 -3.74 -7.28
N GLY A 14 1.90 -4.88 -6.66
CA GLY A 14 2.83 -5.44 -5.70
C GLY A 14 2.66 -4.86 -4.31
N CYS A 15 1.79 -3.90 -4.19
CA CYS A 15 1.52 -3.28 -2.90
C CYS A 15 0.25 -3.87 -2.28
N THR A 16 0.30 -4.11 -0.98
CA THR A 16 -0.82 -4.68 -0.27
C THR A 16 -1.39 -3.66 0.69
N CYS A 17 -2.68 -3.74 0.96
CA CYS A 17 -3.31 -2.81 1.87
C CYS A 17 -3.19 -3.31 3.30
N ASN A 18 -2.41 -2.60 4.10
CA ASN A 18 -2.23 -2.97 5.49
C ASN A 18 -3.32 -2.29 6.29
N LYS A 19 -3.63 -2.86 7.47
CA LYS A 19 -4.69 -2.38 8.38
C LYS A 19 -4.82 -0.85 8.48
N TYR A 20 -3.73 -0.12 8.32
CA TYR A 20 -3.77 1.33 8.39
C TYR A 20 -4.22 1.90 7.05
N ARG A 21 -4.74 1.00 6.21
CA ARG A 21 -5.21 1.30 4.87
C ARG A 21 -4.08 1.89 4.06
N VAL A 22 -2.90 1.34 4.28
CA VAL A 22 -1.71 1.81 3.58
C VAL A 22 -1.03 0.68 2.82
N CYS A 23 -0.62 0.99 1.60
CA CYS A 23 0.04 0.03 0.74
C CYS A 23 1.44 -0.28 1.24
N THR A 24 1.71 -1.56 1.37
CA THR A 24 3.00 -2.04 1.83
C THR A 24 3.55 -3.08 0.86
N LYS A 25 4.84 -3.04 0.59
CA LYS A 25 5.45 -3.98 -0.33
C LYS A 25 6.52 -4.81 0.37
N ASP A 26 7.33 -4.14 1.18
CA ASP A 26 8.40 -4.81 1.91
C ASP A 26 8.82 -3.92 3.09
N GLY A 27 10.08 -3.97 3.48
CA GLY A 27 10.58 -3.15 4.58
C GLY A 27 10.84 -1.72 4.16
N SER A 28 9.90 -1.14 3.43
CA SER A 28 10.01 0.22 2.95
C SER A 28 9.83 1.21 4.10
N VAL A 29 10.72 2.19 4.19
CA VAL A 29 10.68 3.20 5.24
C VAL A 29 9.34 3.92 5.30
N LEU A 30 8.77 4.17 4.14
CA LEU A 30 7.48 4.86 4.06
C LEU A 30 6.50 4.03 3.23
N ASN A 31 6.58 2.72 3.41
CA ASN A 31 5.71 1.79 2.70
C ASN A 31 5.78 2.03 1.19
N CYS A 1 6.07 2.24 -3.07
CA CYS A 1 4.65 2.54 -3.27
C CYS A 1 3.95 2.70 -1.92
N GLY A 2 4.51 3.57 -1.08
CA GLY A 2 3.95 3.81 0.23
C GLY A 2 2.69 4.67 0.17
N GLU A 3 1.80 4.32 -0.74
CA GLU A 3 0.55 5.03 -0.90
C GLU A 3 -0.46 4.53 0.11
N THR A 4 -1.70 4.86 -0.16
CA THR A 4 -2.80 4.44 0.69
C THR A 4 -3.93 3.93 -0.17
N CYS A 5 -4.68 2.98 0.35
CA CYS A 5 -5.80 2.43 -0.40
C CYS A 5 -7.05 3.25 -0.17
N LEU A 6 -6.94 4.55 -0.40
CA LEU A 6 -8.06 5.48 -0.19
C LEU A 6 -9.24 5.08 -1.08
N LEU A 7 -8.92 4.67 -2.30
CA LEU A 7 -9.94 4.25 -3.27
C LEU A 7 -10.49 2.89 -2.88
N GLY A 8 -9.73 2.18 -2.07
CA GLY A 8 -10.12 0.86 -1.65
C GLY A 8 -8.99 -0.11 -1.83
N THR A 9 -8.15 0.16 -2.82
CA THR A 9 -7.01 -0.67 -3.12
C THR A 9 -5.89 0.18 -3.74
N CYS A 10 -4.66 -0.29 -3.58
CA CYS A 10 -3.47 0.40 -4.08
C CYS A 10 -3.51 0.58 -5.59
N TYR A 11 -3.01 1.71 -6.04
CA TYR A 11 -2.93 2.01 -7.46
C TYR A 11 -1.75 1.27 -8.07
N THR A 12 -0.70 1.13 -7.26
CA THR A 12 0.51 0.44 -7.70
C THR A 12 0.37 -1.07 -7.52
N THR A 13 0.97 -1.82 -8.44
CA THR A 13 0.92 -3.26 -8.40
C THR A 13 1.96 -3.86 -7.45
N GLY A 14 1.58 -4.95 -6.80
CA GLY A 14 2.48 -5.62 -5.86
C GLY A 14 2.42 -5.04 -4.46
N CYS A 15 1.66 -3.98 -4.31
CA CYS A 15 1.52 -3.33 -3.01
C CYS A 15 0.32 -3.94 -2.28
N THR A 16 0.41 -4.04 -0.97
CA THR A 16 -0.66 -4.63 -0.18
C THR A 16 -1.27 -3.61 0.75
N CYS A 17 -2.55 -3.77 1.06
CA CYS A 17 -3.23 -2.85 1.95
C CYS A 17 -3.08 -3.26 3.40
N ASN A 18 -2.35 -2.43 4.13
CA ASN A 18 -2.11 -2.62 5.55
C ASN A 18 -3.33 -2.10 6.28
N LYS A 19 -3.63 -2.71 7.45
CA LYS A 19 -4.82 -2.36 8.25
C LYS A 19 -5.08 -0.85 8.36
N TYR A 20 -4.02 -0.04 8.36
CA TYR A 20 -4.18 1.41 8.44
C TYR A 20 -4.49 1.97 7.05
N ARG A 21 -4.96 1.08 6.18
CA ARG A 21 -5.30 1.38 4.80
C ARG A 21 -4.10 1.98 4.08
N VAL A 22 -2.94 1.41 4.39
CA VAL A 22 -1.69 1.88 3.78
C VAL A 22 -1.03 0.79 2.96
N CYS A 23 -0.59 1.13 1.77
CA CYS A 23 0.07 0.19 0.88
C CYS A 23 1.51 -0.06 1.28
N THR A 24 1.85 -1.33 1.39
CA THR A 24 3.20 -1.74 1.74
C THR A 24 3.63 -2.88 0.83
N LYS A 25 4.88 -2.88 0.42
CA LYS A 25 5.38 -3.93 -0.47
C LYS A 25 6.53 -4.69 0.18
N ASP A 26 7.51 -3.95 0.68
CA ASP A 26 8.67 -4.54 1.32
C ASP A 26 9.05 -3.68 2.52
N GLY A 27 8.01 -3.23 3.21
CA GLY A 27 8.18 -2.37 4.37
C GLY A 27 8.57 -0.95 3.99
N SER A 28 9.50 -0.82 3.06
CA SER A 28 9.97 0.47 2.60
C SER A 28 8.89 1.26 1.87
N VAL A 29 8.79 2.52 2.22
CA VAL A 29 7.83 3.42 1.59
C VAL A 29 8.36 3.82 0.21
N LEU A 30 9.65 3.63 0.04
CA LEU A 30 10.34 3.95 -1.21
C LEU A 30 10.05 2.92 -2.29
N ASN A 31 8.79 2.79 -2.66
CA ASN A 31 8.36 1.86 -3.68
C ASN A 31 6.92 2.14 -4.07
N CYS A 1 6.21 1.06 -4.07
CA CYS A 1 4.94 1.55 -3.54
C CYS A 1 5.14 2.72 -2.58
N GLY A 2 4.27 3.70 -2.66
CA GLY A 2 4.34 4.86 -1.78
C GLY A 2 3.01 5.56 -1.73
N GLU A 3 1.96 4.77 -1.57
CA GLU A 3 0.60 5.28 -1.54
C GLU A 3 -0.21 4.65 -0.42
N THR A 4 -1.51 4.90 -0.49
CA THR A 4 -2.46 4.38 0.48
C THR A 4 -3.71 3.90 -0.26
N CYS A 5 -4.45 2.97 0.34
CA CYS A 5 -5.65 2.47 -0.31
C CYS A 5 -6.85 3.31 0.07
N LEU A 6 -6.73 4.62 -0.13
CA LEU A 6 -7.80 5.56 0.20
C LEU A 6 -9.10 5.18 -0.51
N LEU A 7 -8.97 4.80 -1.78
CA LEU A 7 -10.10 4.39 -2.59
C LEU A 7 -10.53 2.98 -2.23
N GLY A 8 -9.64 2.28 -1.55
CA GLY A 8 -9.93 0.92 -1.16
C GLY A 8 -8.79 -0.01 -1.50
N THR A 9 -8.08 0.28 -2.60
CA THR A 9 -6.96 -0.58 -3.00
C THR A 9 -5.90 0.16 -3.80
N CYS A 10 -4.64 -0.15 -3.52
CA CYS A 10 -3.50 0.47 -4.22
C CYS A 10 -3.57 0.23 -5.73
N TYR A 11 -3.30 1.28 -6.50
CA TYR A 11 -3.31 1.17 -7.95
C TYR A 11 -2.03 0.50 -8.42
N THR A 12 -0.94 0.78 -7.71
CA THR A 12 0.36 0.24 -8.04
C THR A 12 0.43 -1.26 -7.76
N THR A 13 1.17 -1.96 -8.61
CA THR A 13 1.34 -3.40 -8.49
C THR A 13 2.44 -3.73 -7.48
N GLY A 14 2.21 -4.77 -6.69
CA GLY A 14 3.18 -5.17 -5.69
C GLY A 14 2.91 -4.51 -4.35
N CYS A 15 1.86 -3.72 -4.31
CA CYS A 15 1.47 -3.02 -3.11
C CYS A 15 0.35 -3.78 -2.40
N THR A 16 0.43 -3.86 -1.09
CA THR A 16 -0.60 -4.57 -0.32
C THR A 16 -1.29 -3.60 0.63
N CYS A 17 -2.56 -3.82 0.88
CA CYS A 17 -3.31 -2.94 1.76
C CYS A 17 -3.24 -3.42 3.21
N ASN A 18 -2.67 -2.59 4.06
CA ASN A 18 -2.56 -2.90 5.48
C ASN A 18 -3.71 -2.21 6.19
N LYS A 19 -4.18 -2.83 7.28
CA LYS A 19 -5.31 -2.37 8.10
C LYS A 19 -5.42 -0.85 8.23
N TYR A 20 -4.30 -0.17 8.35
CA TYR A 20 -4.31 1.30 8.47
C TYR A 20 -4.58 1.95 7.11
N ARG A 21 -5.09 1.14 6.18
CA ARG A 21 -5.41 1.54 4.82
C ARG A 21 -4.16 2.10 4.14
N VAL A 22 -3.03 1.50 4.47
CA VAL A 22 -1.76 1.93 3.90
C VAL A 22 -1.12 0.80 3.11
N CYS A 23 -0.61 1.14 1.94
CA CYS A 23 0.03 0.17 1.07
C CYS A 23 1.43 -0.20 1.54
N THR A 24 1.64 -1.48 1.73
CA THR A 24 2.91 -2.01 2.13
C THR A 24 3.59 -2.56 0.89
N LYS A 25 4.86 -2.25 0.72
CA LYS A 25 5.58 -2.66 -0.45
C LYS A 25 6.04 -4.12 -0.35
N ASP A 26 5.68 -4.91 -1.35
CA ASP A 26 6.06 -6.31 -1.39
C ASP A 26 7.11 -6.51 -2.48
N GLY A 27 8.04 -7.43 -2.24
CA GLY A 27 9.09 -7.70 -3.21
C GLY A 27 10.20 -6.68 -3.15
N SER A 28 9.84 -5.40 -3.14
CA SER A 28 10.80 -4.31 -3.08
C SER A 28 10.18 -3.09 -2.43
N VAL A 29 10.91 -2.46 -1.54
CA VAL A 29 10.42 -1.28 -0.82
C VAL A 29 10.35 -0.08 -1.76
N LEU A 30 11.26 -0.04 -2.71
CA LEU A 30 11.32 1.06 -3.67
C LEU A 30 10.35 0.80 -4.84
N ASN A 31 9.08 1.11 -4.61
CA ASN A 31 8.05 0.93 -5.64
C ASN A 31 6.73 1.54 -5.19
N CYS A 1 6.25 2.12 -1.92
CA CYS A 1 4.81 2.29 -2.11
C CYS A 1 4.25 3.18 -1.01
N GLY A 2 4.80 4.37 -0.87
CA GLY A 2 4.35 5.29 0.16
C GLY A 2 3.01 5.92 -0.19
N GLU A 3 1.96 5.12 -0.16
CA GLU A 3 0.62 5.58 -0.49
C GLU A 3 -0.42 4.84 0.37
N THR A 4 -1.62 5.40 0.44
CA THR A 4 -2.70 4.83 1.20
C THR A 4 -3.77 4.26 0.28
N CYS A 5 -4.55 3.30 0.76
CA CYS A 5 -5.60 2.73 -0.08
C CYS A 5 -6.84 3.59 0.05
N LEU A 6 -6.68 4.85 -0.32
CA LEU A 6 -7.78 5.81 -0.25
C LEU A 6 -8.95 5.32 -1.10
N LEU A 7 -8.62 4.74 -2.25
CA LEU A 7 -9.63 4.20 -3.14
C LEU A 7 -10.02 2.78 -2.74
N GLY A 8 -9.59 2.38 -1.55
CA GLY A 8 -9.89 1.05 -1.07
C GLY A 8 -8.69 0.14 -1.24
N THR A 9 -8.04 0.25 -2.39
CA THR A 9 -6.86 -0.54 -2.68
C THR A 9 -5.97 0.18 -3.70
N CYS A 10 -4.65 0.07 -3.53
CA CYS A 10 -3.73 0.70 -4.46
C CYS A 10 -3.66 -0.08 -5.76
N TYR A 11 -3.68 0.64 -6.88
CA TYR A 11 -3.61 0.02 -8.19
C TYR A 11 -2.16 -0.29 -8.56
N THR A 12 -1.24 0.12 -7.68
CA THR A 12 0.18 -0.11 -7.89
C THR A 12 0.52 -1.59 -7.75
N THR A 13 1.40 -2.06 -8.61
CA THR A 13 1.82 -3.45 -8.60
C THR A 13 2.75 -3.75 -7.43
N GLY A 14 2.48 -4.84 -6.73
CA GLY A 14 3.30 -5.24 -5.60
C GLY A 14 2.87 -4.60 -4.30
N CYS A 15 1.91 -3.69 -4.39
CA CYS A 15 1.41 -3.01 -3.21
C CYS A 15 0.24 -3.78 -2.61
N THR A 16 0.18 -3.80 -1.28
CA THR A 16 -0.88 -4.48 -0.57
C THR A 16 -1.50 -3.54 0.43
N CYS A 17 -2.76 -3.74 0.77
CA CYS A 17 -3.42 -2.86 1.72
C CYS A 17 -3.25 -3.34 3.14
N ASN A 18 -2.61 -2.49 3.93
CA ASN A 18 -2.37 -2.75 5.34
C ASN A 18 -3.56 -2.25 6.13
N LYS A 19 -3.87 -2.94 7.23
CA LYS A 19 -5.01 -2.62 8.10
C LYS A 19 -5.18 -1.13 8.39
N TYR A 20 -4.09 -0.36 8.36
CA TYR A 20 -4.18 1.07 8.60
C TYR A 20 -4.48 1.80 7.29
N ARG A 21 -5.03 1.04 6.36
CA ARG A 21 -5.40 1.51 5.03
C ARG A 21 -4.17 2.09 4.34
N VAL A 22 -3.06 1.40 4.52
CA VAL A 22 -1.79 1.85 3.93
C VAL A 22 -1.26 0.83 2.93
N CYS A 23 -0.84 1.30 1.77
CA CYS A 23 -0.29 0.43 0.74
C CYS A 23 1.16 0.11 1.06
N THR A 24 1.46 -1.17 1.13
CA THR A 24 2.80 -1.63 1.43
C THR A 24 3.29 -2.59 0.35
N LYS A 25 4.45 -2.30 -0.24
CA LYS A 25 4.99 -3.17 -1.28
C LYS A 25 5.74 -4.33 -0.64
N ASP A 26 6.04 -4.18 0.64
CA ASP A 26 6.78 -5.18 1.37
C ASP A 26 6.47 -5.05 2.86
N GLY A 27 7.40 -5.47 3.69
CA GLY A 27 7.21 -5.34 5.13
C GLY A 27 7.20 -3.88 5.53
N SER A 28 7.95 -3.08 4.77
CA SER A 28 8.04 -1.66 5.00
C SER A 28 7.21 -0.90 3.97
N VAL A 29 6.70 0.27 4.36
CA VAL A 29 5.89 1.11 3.49
C VAL A 29 6.75 1.76 2.39
N LEU A 30 8.05 1.50 2.44
CA LEU A 30 9.00 2.04 1.48
C LEU A 30 8.58 1.75 0.04
N ASN A 31 8.92 2.69 -0.85
CA ASN A 31 8.60 2.61 -2.28
C ASN A 31 7.13 2.88 -2.56
N CYS A 1 6.75 1.69 -1.62
CA CYS A 1 5.37 1.98 -2.02
C CYS A 1 4.96 3.39 -1.60
N GLY A 2 4.86 3.62 -0.29
CA GLY A 2 4.46 4.94 0.21
C GLY A 2 3.13 5.36 -0.34
N GLU A 3 2.26 4.38 -0.57
CA GLU A 3 0.94 4.64 -1.13
C GLU A 3 -0.14 4.29 -0.11
N THR A 4 -1.35 4.74 -0.38
CA THR A 4 -2.48 4.46 0.50
C THR A 4 -3.67 3.98 -0.31
N CYS A 5 -4.46 3.10 0.29
CA CYS A 5 -5.63 2.57 -0.38
C CYS A 5 -6.85 3.40 -0.03
N LEU A 6 -6.75 4.70 -0.29
CA LEU A 6 -7.85 5.62 -0.01
C LEU A 6 -9.09 5.22 -0.80
N LEU A 7 -8.86 4.73 -2.01
CA LEU A 7 -9.94 4.28 -2.88
C LEU A 7 -10.47 2.93 -2.42
N GLY A 8 -9.66 2.24 -1.64
CA GLY A 8 -10.04 0.94 -1.15
C GLY A 8 -8.93 -0.06 -1.38
N THR A 9 -8.18 0.15 -2.45
CA THR A 9 -7.07 -0.73 -2.80
C THR A 9 -6.01 0.06 -3.56
N CYS A 10 -4.76 -0.39 -3.45
CA CYS A 10 -3.63 0.25 -4.11
C CYS A 10 -3.80 0.33 -5.61
N TYR A 11 -3.31 1.41 -6.19
CA TYR A 11 -3.37 1.62 -7.62
C TYR A 11 -2.18 0.92 -8.26
N THR A 12 -1.08 0.87 -7.54
CA THR A 12 0.13 0.24 -8.03
C THR A 12 0.18 -1.25 -7.64
N THR A 13 0.77 -2.05 -8.51
CA THR A 13 0.91 -3.47 -8.29
C THR A 13 2.15 -3.78 -7.47
N GLY A 14 2.03 -4.72 -6.54
CA GLY A 14 3.15 -5.09 -5.70
C GLY A 14 2.95 -4.62 -4.29
N CYS A 15 2.17 -3.58 -4.15
CA CYS A 15 1.86 -3.01 -2.85
C CYS A 15 0.61 -3.66 -2.29
N THR A 16 0.59 -3.88 -0.98
CA THR A 16 -0.54 -4.51 -0.33
C THR A 16 -1.21 -3.53 0.63
N CYS A 17 -2.51 -3.68 0.83
CA CYS A 17 -3.24 -2.80 1.71
C CYS A 17 -3.19 -3.30 3.15
N ASN A 18 -2.53 -2.53 4.00
CA ASN A 18 -2.44 -2.87 5.41
C ASN A 18 -3.61 -2.22 6.11
N LYS A 19 -4.05 -2.84 7.22
CA LYS A 19 -5.20 -2.40 8.03
C LYS A 19 -5.36 -0.88 8.15
N TYR A 20 -4.27 -0.15 8.15
CA TYR A 20 -4.34 1.32 8.24
C TYR A 20 -4.61 1.92 6.85
N ARG A 21 -5.15 1.07 5.97
CA ARG A 21 -5.46 1.40 4.58
C ARG A 21 -4.25 2.00 3.90
N VAL A 22 -3.10 1.44 4.21
CA VAL A 22 -1.85 1.92 3.64
C VAL A 22 -1.14 0.81 2.88
N CYS A 23 -0.67 1.14 1.69
CA CYS A 23 0.04 0.21 0.83
C CYS A 23 1.45 -0.02 1.34
N THR A 24 1.77 -1.28 1.56
CA THR A 24 3.07 -1.67 2.04
C THR A 24 3.65 -2.75 1.14
N LYS A 25 4.95 -2.72 0.94
CA LYS A 25 5.62 -3.69 0.09
C LYS A 25 5.72 -5.03 0.79
N ASP A 26 5.94 -4.96 2.09
CA ASP A 26 6.06 -6.14 2.95
C ASP A 26 6.04 -5.65 4.40
N GLY A 27 7.08 -5.96 5.16
CA GLY A 27 7.15 -5.50 6.53
C GLY A 27 7.68 -4.07 6.62
N SER A 28 7.45 -3.32 5.55
CA SER A 28 7.88 -1.93 5.47
C SER A 28 7.10 -1.19 4.38
N VAL A 29 6.58 -0.02 4.73
CA VAL A 29 5.79 0.80 3.80
C VAL A 29 6.70 1.41 2.72
N LEU A 30 8.00 1.31 2.94
CA LEU A 30 9.01 1.82 2.02
C LEU A 30 8.79 1.31 0.60
N ASN A 31 9.28 2.10 -0.37
CA ASN A 31 9.16 1.80 -1.81
C ASN A 31 7.77 2.15 -2.31
#